data_1GXZ
#
_entry.id   1GXZ
#
_cell.length_a   69.560
_cell.length_b   77.280
_cell.length_c   86.470
_cell.angle_alpha   90.00
_cell.angle_beta   90.00
_cell.angle_gamma   90.00
#
_symmetry.space_group_name_H-M   'P 21 21 21'
#
loop_
_entity.id
_entity.type
_entity.pdbx_description
1 polymer 'T-CELL ECTO-ADP-RIBOSYLTRANSFERASE 2'
2 non-polymer 5-BROMONICOTINAMIDE
3 water water
#
_entity_poly.entity_id   1
_entity_poly.type   'polypeptide(L)'
_entity_poly.pdbx_seq_one_letter_code
;LTGPLMLDTAPNAFDDQYEGCVNKMEEKAPLLLQEDFNMNAKLKVAWEEAKKRWNNIKPSRSYPKGFNDFHGTALVAYTG
SIAVDFNRAVREFKENPGQFHYKAFHYYLTRALQLLSNGDCHSVYRGTKTRFHYTGAGSVRFGQFTSSSLSKKVAQSQEF
FSDHGTLFIIKTCLGVYIKEFSFRPDQEEVLIPGYEVYQKVRTQGYNEIFLDSPKRKKSNYNCLYS
;
_entity_poly.pdbx_strand_id   A,B
#
# COMPACT_ATOMS: atom_id res chain seq x y z
N PRO A 4 -5.78 19.00 -10.27
CA PRO A 4 -7.15 18.45 -10.39
C PRO A 4 -7.40 17.86 -11.77
N LEU A 5 -8.08 16.73 -11.80
CA LEU A 5 -8.37 16.04 -13.05
C LEU A 5 -9.87 16.12 -13.33
N MET A 6 -10.25 15.96 -14.60
CA MET A 6 -11.65 16.03 -14.96
C MET A 6 -12.36 14.66 -14.91
N LEU A 7 -13.65 14.69 -14.54
CA LEU A 7 -14.47 13.49 -14.48
C LEU A 7 -15.32 13.65 -15.73
N ASP A 8 -15.09 12.81 -16.74
CA ASP A 8 -15.83 12.90 -17.99
C ASP A 8 -16.21 11.52 -18.52
N THR A 9 -16.32 11.41 -19.85
CA THR A 9 -16.70 10.15 -20.49
C THR A 9 -15.49 9.29 -20.90
N ALA A 10 -14.31 9.71 -20.48
CA ALA A 10 -13.08 8.96 -20.78
C ALA A 10 -12.98 8.55 -22.24
N PRO A 11 -13.09 9.50 -23.17
CA PRO A 11 -13.01 9.17 -24.60
C PRO A 11 -11.70 8.58 -25.08
N ASN A 12 -10.63 8.72 -24.32
CA ASN A 12 -9.32 8.21 -24.73
C ASN A 12 -8.96 6.82 -24.19
N ALA A 13 -9.72 6.33 -23.23
CA ALA A 13 -9.43 5.06 -22.59
C ALA A 13 -9.73 3.82 -23.41
N PHE A 14 -8.85 2.82 -23.32
CA PHE A 14 -9.10 1.57 -24.03
C PHE A 14 -10.24 0.99 -23.20
N ASP A 15 -11.33 0.61 -23.85
CA ASP A 15 -12.50 0.13 -23.11
C ASP A 15 -13.15 -1.13 -23.67
N ASP A 16 -12.39 -1.90 -24.43
CA ASP A 16 -12.87 -3.12 -25.07
C ASP A 16 -13.68 -4.06 -24.15
N GLN A 17 -14.88 -4.43 -24.60
CA GLN A 17 -15.75 -5.35 -23.86
C GLN A 17 -15.72 -6.72 -24.57
N TYR A 18 -15.04 -6.78 -25.70
CA TYR A 18 -14.91 -8.03 -26.45
C TYR A 18 -16.25 -8.67 -26.79
N GLU A 19 -17.15 -7.88 -27.37
CA GLU A 19 -18.48 -8.37 -27.76
C GLU A 19 -18.39 -9.12 -29.08
N GLY A 20 -18.74 -10.40 -29.07
CA GLY A 20 -18.71 -11.19 -30.28
C GLY A 20 -17.37 -11.80 -30.67
N CYS A 21 -16.34 -11.65 -29.85
CA CYS A 21 -15.03 -12.24 -30.18
C CYS A 21 -14.39 -12.93 -28.99
N VAL A 22 -15.18 -13.35 -28.02
CA VAL A 22 -14.63 -14.02 -26.83
C VAL A 22 -13.80 -15.24 -27.20
N ASN A 23 -14.35 -16.13 -28.01
CA ASN A 23 -13.62 -17.35 -28.40
C ASN A 23 -12.41 -17.02 -29.23
N LYS A 24 -12.53 -16.07 -30.15
CA LYS A 24 -11.41 -15.68 -30.98
C LYS A 24 -10.26 -15.15 -30.10
N MET A 25 -10.58 -14.36 -29.08
CA MET A 25 -9.55 -13.83 -28.19
C MET A 25 -8.94 -14.94 -27.31
N GLU A 26 -9.79 -15.87 -26.88
CA GLU A 26 -9.34 -17.00 -26.07
C GLU A 26 -8.21 -17.73 -26.78
N GLU A 27 -8.40 -17.91 -28.09
CA GLU A 27 -7.44 -18.59 -28.93
C GLU A 27 -6.16 -17.81 -29.18
N LYS A 28 -6.29 -16.49 -29.33
CA LYS A 28 -5.14 -15.63 -29.61
C LYS A 28 -4.40 -15.03 -28.41
N ALA A 29 -5.09 -14.83 -27.29
CA ALA A 29 -4.50 -14.23 -26.12
C ALA A 29 -3.22 -14.89 -25.58
N PRO A 30 -3.13 -16.22 -25.63
CA PRO A 30 -1.89 -16.82 -25.11
C PRO A 30 -0.64 -16.31 -25.85
N LEU A 31 -0.74 -16.19 -27.17
CA LEU A 31 0.40 -15.71 -27.96
C LEU A 31 0.64 -14.23 -27.69
N LEU A 32 -0.46 -13.48 -27.59
CA LEU A 32 -0.37 -12.04 -27.33
C LEU A 32 0.19 -11.76 -25.95
N LEU A 33 -0.14 -12.61 -24.98
CA LEU A 33 0.35 -12.43 -23.62
C LEU A 33 1.87 -12.44 -23.63
N GLN A 34 2.39 -13.40 -24.38
CA GLN A 34 3.83 -13.60 -24.55
C GLN A 34 4.46 -12.37 -25.23
N GLU A 35 3.72 -11.79 -26.18
CA GLU A 35 4.19 -10.58 -26.88
C GLU A 35 4.20 -9.40 -25.89
N ASP A 36 3.14 -9.28 -25.09
CA ASP A 36 3.06 -8.20 -24.10
C ASP A 36 4.30 -8.26 -23.21
N PHE A 37 4.68 -9.48 -22.79
CA PHE A 37 5.84 -9.65 -21.91
C PHE A 37 7.12 -9.18 -22.58
N ASN A 38 7.28 -9.56 -23.84
CA ASN A 38 8.46 -9.17 -24.61
C ASN A 38 8.57 -7.64 -24.76
N MET A 39 7.43 -6.95 -24.70
CA MET A 39 7.39 -5.49 -24.81
C MET A 39 7.25 -4.81 -23.45
N ASN A 40 7.02 -5.61 -22.41
CA ASN A 40 6.77 -5.11 -21.05
C ASN A 40 7.42 -6.02 -19.99
N ALA A 41 8.70 -5.82 -19.72
CA ALA A 41 9.39 -6.66 -18.73
C ALA A 41 8.77 -6.61 -17.33
N LYS A 42 8.29 -5.44 -16.93
CA LYS A 42 7.68 -5.31 -15.60
C LYS A 42 6.43 -6.19 -15.52
N LEU A 43 5.62 -6.14 -16.57
CA LEU A 43 4.42 -6.95 -16.62
C LEU A 43 4.81 -8.42 -16.46
N LYS A 44 5.85 -8.84 -17.18
CA LYS A 44 6.26 -10.24 -17.08
C LYS A 44 6.57 -10.62 -15.64
N VAL A 45 7.27 -9.74 -14.92
CA VAL A 45 7.63 -9.99 -13.53
C VAL A 45 6.36 -10.07 -12.67
N ALA A 46 5.48 -9.10 -12.86
CA ALA A 46 4.23 -9.04 -12.11
C ALA A 46 3.37 -10.26 -12.36
N TRP A 47 3.37 -10.76 -13.59
CA TRP A 47 2.56 -11.93 -13.92
C TRP A 47 3.14 -13.17 -13.23
N GLU A 48 4.47 -13.31 -13.29
CA GLU A 48 5.11 -14.46 -12.67
C GLU A 48 4.83 -14.50 -11.17
N GLU A 49 4.81 -13.33 -10.54
CA GLU A 49 4.52 -13.22 -9.11
C GLU A 49 3.06 -13.60 -8.84
N ALA A 50 2.17 -13.08 -9.69
CA ALA A 50 0.73 -13.34 -9.54
C ALA A 50 0.39 -14.80 -9.77
N LYS A 51 1.10 -15.44 -10.70
CA LYS A 51 0.84 -16.85 -11.00
C LYS A 51 1.07 -17.72 -9.74
N LYS A 52 2.14 -17.42 -9.00
CA LYS A 52 2.47 -18.17 -7.79
C LYS A 52 1.40 -17.96 -6.72
N ARG A 53 0.96 -16.73 -6.55
CA ARG A 53 -0.07 -16.41 -5.58
C ARG A 53 -1.35 -17.13 -5.96
N TRP A 54 -1.70 -17.05 -7.25
CA TRP A 54 -2.92 -17.72 -7.73
C TRP A 54 -2.85 -19.24 -7.56
N ASN A 55 -1.69 -19.85 -7.79
CA ASN A 55 -1.58 -21.30 -7.61
C ASN A 55 -1.87 -21.66 -6.15
N ASN A 56 -1.55 -20.74 -5.23
CA ASN A 56 -1.79 -20.98 -3.80
C ASN A 56 -3.25 -20.83 -3.37
N ILE A 57 -3.92 -19.80 -3.90
CA ILE A 57 -5.30 -19.54 -3.53
C ILE A 57 -6.40 -20.31 -4.25
N LYS A 58 -6.24 -20.60 -5.53
CA LYS A 58 -7.29 -21.29 -6.27
C LYS A 58 -7.86 -22.58 -5.69
N PRO A 59 -7.02 -23.41 -5.04
CA PRO A 59 -7.59 -24.66 -4.50
C PRO A 59 -8.71 -24.40 -3.49
N SER A 60 -8.78 -23.17 -3.00
CA SER A 60 -9.78 -22.77 -2.01
C SER A 60 -11.23 -23.02 -2.43
N ARG A 61 -11.66 -22.39 -3.51
CA ARG A 61 -13.04 -22.56 -3.98
C ARG A 61 -13.23 -22.93 -5.44
N SER A 62 -14.44 -22.68 -5.93
CA SER A 62 -14.80 -22.96 -7.30
C SER A 62 -15.01 -21.66 -8.07
N TYR A 63 -15.05 -21.76 -9.39
CA TYR A 63 -15.22 -20.60 -10.24
C TYR A 63 -16.20 -20.89 -11.36
N PRO A 64 -16.76 -19.85 -12.00
CA PRO A 64 -17.72 -19.99 -13.10
C PRO A 64 -17.19 -20.88 -14.22
N LYS A 65 -18.07 -21.30 -15.11
CA LYS A 65 -17.65 -22.14 -16.23
C LYS A 65 -16.80 -21.29 -17.17
N GLY A 66 -15.63 -21.79 -17.52
CA GLY A 66 -14.78 -21.05 -18.43
C GLY A 66 -13.67 -20.27 -17.75
N PHE A 67 -13.82 -20.03 -16.47
CA PHE A 67 -12.83 -19.28 -15.69
C PHE A 67 -11.59 -20.16 -15.52
N ASN A 68 -10.44 -19.67 -15.98
CA ASN A 68 -9.19 -20.45 -15.90
C ASN A 68 -8.02 -19.67 -15.28
N ASP A 69 -6.86 -20.30 -15.25
CA ASP A 69 -5.66 -19.67 -14.67
C ASP A 69 -5.36 -18.29 -15.23
N PHE A 70 -5.64 -18.06 -16.52
CA PHE A 70 -5.36 -16.72 -17.08
C PHE A 70 -6.23 -15.69 -16.35
N HIS A 71 -7.49 -16.02 -16.13
CA HIS A 71 -8.41 -15.11 -15.44
C HIS A 71 -8.04 -14.93 -13.97
N GLY A 72 -7.71 -16.01 -13.29
CA GLY A 72 -7.34 -15.91 -11.89
C GLY A 72 -6.07 -15.10 -11.68
N THR A 73 -5.04 -15.41 -12.47
CA THR A 73 -3.75 -14.72 -12.40
C THR A 73 -3.86 -13.23 -12.76
N ALA A 74 -4.66 -12.91 -13.77
CA ALA A 74 -4.82 -11.51 -14.17
C ALA A 74 -5.41 -10.67 -13.01
N LEU A 75 -6.44 -11.20 -12.35
CA LEU A 75 -7.08 -10.52 -11.23
C LEU A 75 -6.08 -10.32 -10.09
N VAL A 76 -5.37 -11.39 -9.71
CA VAL A 76 -4.37 -11.27 -8.65
C VAL A 76 -3.39 -10.17 -9.03
N ALA A 77 -2.85 -10.27 -10.24
CA ALA A 77 -1.87 -9.31 -10.73
C ALA A 77 -2.37 -7.87 -10.70
N TYR A 78 -3.68 -7.68 -10.93
CA TYR A 78 -4.20 -6.32 -10.91
C TYR A 78 -4.13 -5.72 -9.50
N THR A 79 -4.27 -6.56 -8.48
CA THR A 79 -4.21 -6.07 -7.11
C THR A 79 -2.76 -5.84 -6.67
N GLY A 80 -1.82 -6.08 -7.59
CA GLY A 80 -0.42 -5.89 -7.29
C GLY A 80 0.17 -4.62 -7.87
N SER A 81 1.49 -4.55 -7.95
CA SER A 81 2.18 -3.35 -8.44
C SER A 81 2.00 -2.98 -9.92
N ILE A 82 1.63 -3.93 -10.76
CA ILE A 82 1.48 -3.62 -12.19
C ILE A 82 0.33 -2.65 -12.47
N ALA A 83 -0.61 -2.55 -11.51
CA ALA A 83 -1.79 -1.69 -11.62
C ALA A 83 -1.56 -0.24 -12.09
N VAL A 84 -0.61 0.44 -11.48
CA VAL A 84 -0.34 1.82 -11.83
C VAL A 84 -0.05 1.99 -13.32
N ASP A 85 0.95 1.27 -13.83
CA ASP A 85 1.29 1.40 -15.24
C ASP A 85 0.16 0.96 -16.14
N PHE A 86 -0.51 -0.13 -15.78
CA PHE A 86 -1.61 -0.65 -16.57
C PHE A 86 -2.75 0.36 -16.66
N ASN A 87 -3.16 0.92 -15.52
CA ASN A 87 -4.23 1.91 -15.54
C ASN A 87 -3.79 3.10 -16.39
N ARG A 88 -2.50 3.45 -16.32
CA ARG A 88 -2.02 4.57 -17.11
C ARG A 88 -2.14 4.28 -18.62
N ALA A 89 -1.62 3.12 -19.05
CA ALA A 89 -1.67 2.72 -20.46
C ALA A 89 -3.10 2.69 -20.98
N VAL A 90 -4.01 2.19 -20.15
CA VAL A 90 -5.42 2.13 -20.56
C VAL A 90 -5.95 3.54 -20.72
N ARG A 91 -5.66 4.38 -19.73
CA ARG A 91 -6.11 5.77 -19.73
C ARG A 91 -5.57 6.57 -20.93
N GLU A 92 -4.30 6.40 -21.23
CA GLU A 92 -3.67 7.14 -22.34
C GLU A 92 -3.72 6.42 -23.68
N PHE A 93 -4.51 5.34 -23.79
CA PHE A 93 -4.57 4.58 -25.04
C PHE A 93 -4.70 5.36 -26.34
N LYS A 94 -5.77 6.12 -26.48
CA LYS A 94 -5.99 6.86 -27.71
C LYS A 94 -4.85 7.82 -28.06
N GLU A 95 -4.18 8.35 -27.05
CA GLU A 95 -3.08 9.29 -27.25
C GLU A 95 -1.78 8.63 -27.79
N ASN A 96 -1.63 7.32 -27.62
CA ASN A 96 -0.47 6.60 -28.13
C ASN A 96 -0.77 5.11 -28.17
N PRO A 97 -1.61 4.70 -29.11
CA PRO A 97 -2.05 3.32 -29.34
C PRO A 97 -0.96 2.28 -29.51
N GLY A 98 0.16 2.66 -30.13
CA GLY A 98 1.25 1.71 -30.33
C GLY A 98 2.04 1.37 -29.08
N GLN A 99 1.69 2.00 -27.96
CA GLN A 99 2.39 1.75 -26.70
C GLN A 99 1.53 1.02 -25.66
N PHE A 100 0.56 0.26 -26.12
CA PHE A 100 -0.31 -0.50 -25.22
C PHE A 100 0.18 -1.94 -25.14
N HIS A 101 1.09 -2.18 -24.20
CA HIS A 101 1.69 -3.50 -24.02
C HIS A 101 0.95 -4.29 -22.95
N TYR A 102 -0.35 -4.42 -23.17
CA TYR A 102 -1.25 -5.13 -22.26
C TYR A 102 -2.39 -5.74 -23.07
N LYS A 103 -2.12 -6.07 -24.33
CA LYS A 103 -3.13 -6.63 -25.23
C LYS A 103 -3.86 -7.83 -24.64
N ALA A 104 -3.12 -8.81 -24.15
CA ALA A 104 -3.75 -10.00 -23.59
C ALA A 104 -4.16 -9.74 -22.14
N PHE A 105 -3.34 -8.98 -21.42
CA PHE A 105 -3.65 -8.70 -20.03
C PHE A 105 -5.02 -8.06 -19.89
N HIS A 106 -5.27 -7.05 -20.71
CA HIS A 106 -6.55 -6.35 -20.66
C HIS A 106 -7.70 -7.33 -20.96
N TYR A 107 -7.49 -8.21 -21.93
CA TYR A 107 -8.52 -9.18 -22.27
C TYR A 107 -8.84 -10.11 -21.10
N TYR A 108 -7.82 -10.78 -20.58
CA TYR A 108 -8.02 -11.71 -19.47
C TYR A 108 -8.66 -11.05 -18.25
N LEU A 109 -8.25 -9.82 -17.94
CA LEU A 109 -8.83 -9.11 -16.79
C LEU A 109 -10.31 -8.79 -17.06
N THR A 110 -10.60 -8.27 -18.26
CA THR A 110 -11.97 -7.95 -18.64
C THR A 110 -12.84 -9.21 -18.55
N ARG A 111 -12.39 -10.28 -19.20
CA ARG A 111 -13.15 -11.53 -19.20
C ARG A 111 -13.36 -12.09 -17.78
N ALA A 112 -12.37 -11.95 -16.92
CA ALA A 112 -12.48 -12.42 -15.54
C ALA A 112 -13.65 -11.73 -14.86
N LEU A 113 -13.71 -10.42 -15.03
CA LEU A 113 -14.76 -9.61 -14.43
C LEU A 113 -16.12 -9.98 -15.04
N GLN A 114 -16.15 -10.24 -16.35
CA GLN A 114 -17.40 -10.62 -17.02
C GLN A 114 -17.90 -11.97 -16.51
N LEU A 115 -16.98 -12.92 -16.35
CA LEU A 115 -17.33 -14.26 -15.90
C LEU A 115 -17.81 -14.29 -14.44
N LEU A 116 -17.22 -13.46 -13.60
CA LEU A 116 -17.60 -13.42 -12.19
C LEU A 116 -18.86 -12.59 -11.93
N SER A 117 -19.24 -11.76 -12.88
CA SER A 117 -20.38 -10.90 -12.67
C SER A 117 -21.76 -11.54 -12.77
N ASN A 118 -22.60 -11.25 -11.79
CA ASN A 118 -23.99 -11.72 -11.77
C ASN A 118 -24.73 -10.38 -11.83
N GLY A 119 -26.04 -10.36 -11.63
CA GLY A 119 -26.71 -9.06 -11.72
C GLY A 119 -26.67 -8.16 -10.51
N ASP A 120 -25.96 -8.55 -9.45
CA ASP A 120 -25.92 -7.77 -8.21
C ASP A 120 -25.22 -6.42 -8.27
N CYS A 121 -25.73 -5.49 -7.47
CA CYS A 121 -25.17 -4.13 -7.38
C CYS A 121 -24.56 -3.96 -6.00
N HIS A 122 -23.49 -3.18 -5.92
CA HIS A 122 -22.82 -2.94 -4.64
C HIS A 122 -22.70 -1.46 -4.37
N SER A 123 -22.62 -1.12 -3.09
CA SER A 123 -22.44 0.24 -2.66
C SER A 123 -20.95 0.24 -2.31
N VAL A 124 -20.16 0.99 -3.08
CA VAL A 124 -18.72 1.02 -2.85
C VAL A 124 -18.17 2.46 -2.75
N TYR A 125 -16.94 2.56 -2.28
CA TYR A 125 -16.27 3.85 -2.10
C TYR A 125 -14.88 3.78 -2.66
N ARG A 126 -14.43 4.90 -3.20
CA ARG A 126 -13.10 5.00 -3.78
C ARG A 126 -12.50 6.33 -3.40
N GLY A 127 -11.37 6.28 -2.72
CA GLY A 127 -10.69 7.50 -2.32
C GLY A 127 -9.51 7.77 -3.25
N THR A 128 -9.15 9.04 -3.42
CA THR A 128 -8.00 9.41 -4.26
C THR A 128 -7.19 10.54 -3.63
N LYS A 129 -5.95 10.68 -4.08
CA LYS A 129 -5.07 11.74 -3.62
C LYS A 129 -5.22 12.91 -4.58
N THR A 130 -5.81 12.65 -5.75
CA THR A 130 -6.01 13.68 -6.76
C THR A 130 -7.46 14.14 -6.80
N ARG A 131 -7.67 15.45 -6.77
CA ARG A 131 -9.00 16.04 -6.82
C ARG A 131 -9.60 15.87 -8.21
N PHE A 132 -10.86 15.41 -8.27
CA PHE A 132 -11.53 15.26 -9.55
C PHE A 132 -12.68 16.26 -9.62
N HIS A 133 -12.88 16.85 -10.80
CA HIS A 133 -13.96 17.80 -11.01
C HIS A 133 -14.89 17.32 -12.11
N TYR A 134 -16.18 17.24 -11.78
CA TYR A 134 -17.17 16.84 -12.78
C TYR A 134 -17.21 17.92 -13.87
N THR A 135 -17.14 17.50 -15.14
CA THR A 135 -17.16 18.49 -16.24
C THR A 135 -18.39 19.40 -16.19
N GLY A 136 -19.48 18.92 -15.60
CA GLY A 136 -20.68 19.73 -15.51
C GLY A 136 -21.89 19.21 -16.27
N ALA A 137 -21.67 18.30 -17.22
CA ALA A 137 -22.78 17.75 -18.00
C ALA A 137 -22.54 16.34 -18.52
N GLY A 138 -23.63 15.58 -18.65
CA GLY A 138 -23.55 14.24 -19.17
C GLY A 138 -23.14 13.19 -18.15
N SER A 139 -23.32 11.94 -18.52
CA SER A 139 -22.95 10.83 -17.67
C SER A 139 -21.44 10.75 -17.67
N VAL A 140 -20.88 9.96 -16.75
CA VAL A 140 -19.44 9.82 -16.68
C VAL A 140 -19.02 8.37 -16.63
N ARG A 141 -17.73 8.16 -16.87
CA ARG A 141 -17.16 6.83 -16.95
C ARG A 141 -15.71 6.95 -16.47
N PHE A 142 -15.17 5.91 -15.85
CA PHE A 142 -13.78 5.95 -15.42
C PHE A 142 -12.85 5.59 -16.58
N GLY A 143 -13.29 4.69 -17.46
CA GLY A 143 -12.45 4.29 -18.58
C GLY A 143 -11.53 3.13 -18.22
N GLN A 144 -10.65 3.38 -17.26
CA GLN A 144 -9.72 2.36 -16.80
C GLN A 144 -10.41 1.50 -15.74
N PHE A 145 -9.88 0.31 -15.50
CA PHE A 145 -10.45 -0.56 -14.49
C PHE A 145 -10.36 0.29 -13.24
N THR A 146 -11.34 0.18 -12.35
CA THR A 146 -11.33 1.04 -11.16
C THR A 146 -11.58 0.31 -9.85
N SER A 147 -10.58 0.40 -8.96
CA SER A 147 -10.69 -0.23 -7.65
C SER A 147 -11.56 0.63 -6.73
N SER A 148 -12.34 -0.05 -5.90
CA SER A 148 -13.21 0.59 -4.92
C SER A 148 -13.25 -0.40 -3.77
N SER A 149 -13.92 -0.05 -2.67
CA SER A 149 -14.00 -0.96 -1.54
C SER A 149 -15.40 -0.99 -0.95
N LEU A 150 -15.74 -2.09 -0.30
CA LEU A 150 -17.03 -2.19 0.37
C LEU A 150 -16.91 -1.32 1.62
N SER A 151 -15.67 -1.14 2.09
CA SER A 151 -15.39 -0.38 3.31
C SER A 151 -15.08 1.10 3.08
N LYS A 152 -15.91 1.97 3.65
CA LYS A 152 -15.72 3.41 3.50
C LYS A 152 -14.42 3.79 4.23
N LYS A 153 -14.10 3.06 5.28
CA LYS A 153 -12.89 3.32 6.05
C LYS A 153 -11.66 3.05 5.19
N VAL A 154 -11.67 1.94 4.45
CA VAL A 154 -10.56 1.61 3.57
C VAL A 154 -10.40 2.72 2.51
N ALA A 155 -11.48 3.08 1.84
CA ALA A 155 -11.42 4.10 0.81
C ALA A 155 -10.95 5.44 1.36
N GLN A 156 -11.27 5.71 2.63
CA GLN A 156 -10.87 6.98 3.25
C GLN A 156 -9.52 6.88 3.92
N SER A 157 -8.94 5.69 3.96
CA SER A 157 -7.65 5.50 4.62
C SER A 157 -6.55 6.35 3.98
N GLN A 158 -5.50 6.58 4.76
CA GLN A 158 -4.35 7.39 4.35
C GLN A 158 -3.72 6.80 3.10
N GLU A 159 -3.88 5.50 2.91
CA GLU A 159 -3.33 4.84 1.76
C GLU A 159 -3.88 5.32 0.41
N PHE A 160 -5.15 5.69 0.36
CA PHE A 160 -5.76 6.11 -0.90
C PHE A 160 -6.34 7.52 -0.96
N PHE A 161 -6.64 8.07 0.21
CA PHE A 161 -7.28 9.37 0.28
C PHE A 161 -6.53 10.44 1.05
N SER A 162 -6.88 11.68 0.77
CA SER A 162 -6.33 12.85 1.44
C SER A 162 -7.31 13.99 1.18
N ASP A 163 -7.25 15.03 2.02
CA ASP A 163 -8.15 16.17 1.87
C ASP A 163 -7.96 16.88 0.53
N HIS A 164 -6.84 16.62 -0.14
CA HIS A 164 -6.58 17.25 -1.43
C HIS A 164 -7.27 16.49 -2.56
N GLY A 165 -7.69 15.27 -2.27
CA GLY A 165 -8.34 14.44 -3.28
C GLY A 165 -9.86 14.37 -3.26
N THR A 166 -10.38 13.23 -3.67
CA THR A 166 -11.80 13.03 -3.75
C THR A 166 -12.23 11.66 -3.22
N LEU A 167 -13.41 11.61 -2.59
CA LEU A 167 -13.96 10.36 -2.11
C LEU A 167 -15.16 10.10 -3.02
N PHE A 168 -15.10 9.02 -3.80
CA PHE A 168 -16.23 8.69 -4.67
C PHE A 168 -17.16 7.76 -3.91
N ILE A 169 -18.44 8.10 -3.87
CA ILE A 169 -19.45 7.26 -3.23
C ILE A 169 -20.16 6.69 -4.45
N ILE A 170 -20.04 5.38 -4.65
CA ILE A 170 -20.57 4.77 -5.86
C ILE A 170 -21.55 3.61 -5.74
N LYS A 171 -22.50 3.57 -6.67
CA LYS A 171 -23.42 2.45 -6.73
C LYS A 171 -23.05 1.82 -8.07
N THR A 172 -22.48 0.63 -8.02
CA THR A 172 -22.09 -0.07 -9.23
C THR A 172 -22.92 -1.32 -9.37
N CYS A 173 -23.17 -1.74 -10.60
CA CYS A 173 -23.92 -2.96 -10.83
C CYS A 173 -23.14 -3.90 -11.76
N LEU A 174 -21.94 -3.48 -12.18
CA LEU A 174 -21.08 -4.32 -13.00
C LEU A 174 -19.82 -4.65 -12.18
N GLY A 175 -19.67 -3.99 -11.04
CA GLY A 175 -18.53 -4.23 -10.19
C GLY A 175 -18.51 -5.65 -9.64
N VAL A 176 -17.31 -6.19 -9.41
CA VAL A 176 -17.17 -7.55 -8.87
C VAL A 176 -16.30 -7.57 -7.61
N TYR A 177 -16.77 -8.25 -6.58
CA TYR A 177 -16.06 -8.37 -5.31
C TYR A 177 -14.88 -9.31 -5.56
N ILE A 178 -13.65 -8.79 -5.50
CA ILE A 178 -12.49 -9.63 -5.76
C ILE A 178 -11.56 -9.83 -4.58
N LYS A 179 -12.09 -9.65 -3.37
CA LYS A 179 -11.30 -9.81 -2.15
C LYS A 179 -10.50 -11.11 -2.11
N GLU A 180 -11.12 -12.19 -2.52
CA GLU A 180 -10.46 -13.49 -2.49
C GLU A 180 -9.35 -13.69 -3.52
N PHE A 181 -9.08 -12.68 -4.34
CA PHE A 181 -8.01 -12.77 -5.34
C PHE A 181 -6.86 -11.84 -4.96
N SER A 182 -7.22 -10.75 -4.30
CA SER A 182 -6.26 -9.73 -3.92
C SER A 182 -5.07 -10.13 -3.04
N PHE A 183 -4.00 -9.37 -3.16
CA PHE A 183 -2.81 -9.59 -2.36
C PHE A 183 -3.16 -8.97 -1.01
N ARG A 184 -4.21 -8.15 -1.00
CA ARG A 184 -4.69 -7.47 0.21
C ARG A 184 -6.16 -7.77 0.46
N PRO A 185 -6.46 -8.96 1.02
CA PRO A 185 -7.85 -9.34 1.31
C PRO A 185 -8.55 -8.30 2.20
N ASP A 186 -7.77 -7.66 3.06
CA ASP A 186 -8.29 -6.67 3.99
C ASP A 186 -8.94 -5.45 3.32
N GLN A 187 -8.56 -5.17 2.09
CA GLN A 187 -9.12 -4.00 1.40
C GLN A 187 -10.57 -4.17 0.91
N GLU A 188 -11.13 -5.37 1.05
CA GLU A 188 -12.52 -5.61 0.62
C GLU A 188 -12.79 -4.98 -0.74
N GLU A 189 -11.90 -5.23 -1.70
CA GLU A 189 -12.04 -4.63 -3.01
C GLU A 189 -13.14 -5.11 -3.95
N VAL A 190 -13.77 -4.14 -4.59
CA VAL A 190 -14.76 -4.41 -5.62
C VAL A 190 -14.12 -3.76 -6.86
N LEU A 191 -13.86 -4.55 -7.89
CA LEU A 191 -13.26 -4.05 -9.12
C LEU A 191 -14.35 -3.63 -10.12
N ILE A 192 -14.29 -2.38 -10.54
CA ILE A 192 -15.26 -1.82 -11.46
C ILE A 192 -14.69 -1.67 -12.88
N PRO A 193 -15.40 -2.21 -13.89
CA PRO A 193 -14.93 -2.11 -15.27
C PRO A 193 -15.00 -0.64 -15.72
N GLY A 194 -14.07 -0.24 -16.58
CA GLY A 194 -14.06 1.14 -17.06
C GLY A 194 -15.21 1.51 -17.98
N TYR A 195 -15.97 0.53 -18.45
CA TYR A 195 -17.09 0.82 -19.34
C TYR A 195 -18.43 1.03 -18.67
N GLU A 196 -18.48 0.95 -17.34
CA GLU A 196 -19.73 1.20 -16.63
C GLU A 196 -19.92 2.72 -16.62
N VAL A 197 -21.12 3.17 -17.00
CA VAL A 197 -21.43 4.60 -17.03
C VAL A 197 -22.36 4.96 -15.85
N TYR A 198 -22.19 6.17 -15.32
CA TYR A 198 -22.98 6.67 -14.20
C TYR A 198 -23.75 7.86 -14.74
N GLN A 199 -25.07 7.70 -14.86
CA GLN A 199 -25.92 8.75 -15.41
C GLN A 199 -26.33 9.78 -14.37
N LYS A 200 -25.92 9.56 -13.12
CA LYS A 200 -26.25 10.49 -12.04
C LYS A 200 -24.95 10.89 -11.34
N VAL A 201 -24.64 12.17 -11.40
CA VAL A 201 -23.42 12.70 -10.80
C VAL A 201 -23.70 13.91 -9.92
N ARG A 202 -23.41 13.78 -8.64
CA ARG A 202 -23.64 14.89 -7.72
C ARG A 202 -22.40 15.19 -6.89
N THR A 203 -21.94 16.45 -6.96
CA THR A 203 -20.78 16.88 -6.17
C THR A 203 -21.29 17.19 -4.78
N GLN A 204 -20.58 16.71 -3.77
CA GLN A 204 -20.98 16.92 -2.37
C GLN A 204 -19.78 17.50 -1.62
N GLY A 205 -19.91 18.74 -1.16
CA GLY A 205 -18.81 19.39 -0.48
C GLY A 205 -17.69 19.56 -1.50
N TYR A 206 -16.46 19.77 -1.05
CA TYR A 206 -15.37 19.96 -2.00
C TYR A 206 -14.69 18.65 -2.40
N ASN A 207 -14.74 17.64 -1.55
CA ASN A 207 -14.05 16.39 -1.88
C ASN A 207 -14.88 15.13 -1.99
N GLU A 208 -16.18 15.28 -2.22
CA GLU A 208 -17.05 14.12 -2.36
C GLU A 208 -17.81 14.17 -3.68
N ILE A 209 -17.85 13.04 -4.39
CA ILE A 209 -18.61 12.94 -5.63
C ILE A 209 -19.46 11.66 -5.55
N PHE A 210 -20.77 11.83 -5.68
CA PHE A 210 -21.73 10.75 -5.61
C PHE A 210 -22.04 10.29 -7.04
N LEU A 211 -21.78 9.01 -7.34
CA LEU A 211 -22.02 8.46 -8.67
C LEU A 211 -23.13 7.43 -8.56
N ASP A 212 -24.17 7.58 -9.36
CA ASP A 212 -25.29 6.66 -9.26
C ASP A 212 -25.93 6.39 -10.61
N SER A 213 -26.99 5.58 -10.61
CA SER A 213 -27.67 5.22 -11.84
C SER A 213 -26.68 4.62 -12.84
N PRO A 214 -25.92 3.59 -12.41
CA PRO A 214 -24.93 2.93 -13.26
C PRO A 214 -25.60 2.17 -14.40
N LYS A 215 -24.94 2.18 -15.55
CA LYS A 215 -25.45 1.48 -16.72
C LYS A 215 -24.30 0.90 -17.52
N ARG A 216 -24.57 -0.18 -18.24
CA ARG A 216 -23.56 -0.75 -19.12
C ARG A 216 -23.75 0.06 -20.39
N LYS A 217 -22.66 0.42 -21.06
CA LYS A 217 -22.75 1.19 -22.27
C LYS A 217 -21.73 0.73 -23.30
N LYS A 218 -22.18 0.57 -24.53
CA LYS A 218 -21.34 0.12 -25.64
C LYS A 218 -20.02 0.89 -25.62
N SER A 219 -18.91 0.18 -25.85
CA SER A 219 -17.60 0.84 -25.83
C SER A 219 -17.17 1.45 -27.15
N ASN A 220 -16.17 2.32 -27.08
CA ASN A 220 -15.63 2.97 -28.27
C ASN A 220 -14.78 1.96 -29.05
N TYR A 221 -14.11 1.07 -28.34
CA TYR A 221 -13.29 0.05 -29.00
C TYR A 221 -13.94 -1.31 -28.78
N ASN A 222 -13.88 -2.18 -29.78
CA ASN A 222 -14.42 -3.52 -29.62
C ASN A 222 -13.58 -4.52 -30.40
N CYS A 223 -13.10 -5.55 -29.70
CA CYS A 223 -12.32 -6.60 -30.32
C CYS A 223 -11.17 -6.03 -31.15
N LEU A 224 -10.53 -4.98 -30.65
CA LEU A 224 -9.44 -4.36 -31.41
C LEU A 224 -8.30 -5.30 -31.81
N TYR A 225 -7.91 -6.21 -30.92
CA TYR A 225 -6.80 -7.11 -31.19
C TYR A 225 -7.20 -8.54 -31.49
N SER A 226 -8.44 -8.73 -31.94
CA SER A 226 -8.92 -10.07 -32.25
C SER A 226 -8.53 -10.51 -33.67
N PRO B 4 11.24 -18.84 3.65
CA PRO B 4 11.41 -18.40 5.07
C PRO B 4 12.71 -17.63 5.25
N LEU B 5 12.63 -16.49 5.96
CA LEU B 5 13.79 -15.65 6.22
C LEU B 5 14.43 -15.88 7.59
N MET B 6 15.75 -15.74 7.65
CA MET B 6 16.52 -15.93 8.87
C MET B 6 16.66 -14.65 9.69
N LEU B 7 16.38 -14.73 10.98
CA LEU B 7 16.55 -13.55 11.84
C LEU B 7 18.04 -13.36 12.04
N ASP B 8 18.44 -12.11 12.24
CA ASP B 8 19.83 -11.78 12.46
C ASP B 8 19.91 -10.46 13.19
N THR B 9 21.03 -9.76 13.08
CA THR B 9 21.17 -8.48 13.76
C THR B 9 21.04 -7.31 12.78
N ALA B 10 20.38 -7.58 11.65
CA ALA B 10 20.13 -6.55 10.64
C ALA B 10 21.38 -5.72 10.33
N PRO B 11 22.45 -6.38 9.88
CA PRO B 11 23.68 -5.65 9.57
C PRO B 11 23.58 -4.61 8.45
N ASN B 12 22.58 -4.71 7.59
CA ASN B 12 22.46 -3.77 6.47
C ASN B 12 21.53 -2.59 6.67
N ALA B 13 20.85 -2.55 7.81
CA ALA B 13 19.90 -1.48 8.04
C ALA B 13 20.50 -0.18 8.56
N PHE B 14 19.94 0.94 8.12
CA PHE B 14 20.40 2.24 8.60
C PHE B 14 19.80 2.27 10.01
N ASP B 15 20.65 2.36 11.01
CA ASP B 15 20.22 2.31 12.41
C ASP B 15 20.70 3.45 13.30
N ASP B 16 21.02 4.59 12.69
CA ASP B 16 21.54 5.76 13.39
C ASP B 16 20.76 6.15 14.65
N GLN B 17 21.50 6.33 15.75
CA GLN B 17 20.92 6.74 17.03
C GLN B 17 21.26 8.20 17.31
N TYR B 18 22.11 8.79 16.48
CA TYR B 18 22.50 10.18 16.62
C TYR B 18 23.14 10.53 17.97
N GLU B 19 24.07 9.69 18.43
CA GLU B 19 24.74 9.95 19.71
C GLU B 19 25.82 11.02 19.53
N GLY B 20 25.62 12.17 20.15
CA GLY B 20 26.60 13.24 20.03
C GLY B 20 26.37 14.27 18.93
N CYS B 21 25.25 14.20 18.21
CA CYS B 21 25.01 15.17 17.14
C CYS B 21 23.58 15.67 17.08
N VAL B 22 22.85 15.55 18.20
CA VAL B 22 21.46 15.99 18.24
C VAL B 22 21.30 17.45 17.83
N ASN B 23 22.01 18.36 18.50
CA ASN B 23 21.89 19.77 18.18
C ASN B 23 22.30 20.08 16.75
N LYS B 24 23.33 19.39 16.25
CA LYS B 24 23.77 19.60 14.88
C LYS B 24 22.69 19.12 13.91
N MET B 25 22.06 17.99 14.23
CA MET B 25 21.01 17.47 13.36
C MET B 25 19.77 18.37 13.36
N GLU B 26 19.40 18.94 14.50
CA GLU B 26 18.25 19.82 14.54
C GLU B 26 18.48 21.05 13.65
N GLU B 27 19.72 21.53 13.57
CA GLU B 27 19.98 22.69 12.74
C GLU B 27 20.11 22.39 11.26
N LYS B 28 20.57 21.19 10.90
CA LYS B 28 20.71 20.87 9.48
C LYS B 28 19.60 20.01 8.86
N ALA B 29 18.82 19.31 9.69
CA ALA B 29 17.74 18.47 9.16
C ALA B 29 16.74 19.24 8.29
N PRO B 30 16.43 20.51 8.63
CA PRO B 30 15.48 21.21 7.75
C PRO B 30 15.94 21.21 6.29
N LEU B 31 17.20 21.57 6.06
CA LEU B 31 17.73 21.57 4.69
C LEU B 31 17.73 20.14 4.12
N LEU B 32 18.20 19.18 4.92
CA LEU B 32 18.21 17.78 4.49
C LEU B 32 16.80 17.32 4.09
N LEU B 33 15.80 17.72 4.89
CA LEU B 33 14.41 17.32 4.63
C LEU B 33 13.97 17.85 3.25
N GLN B 34 14.41 19.05 2.90
CA GLN B 34 14.06 19.60 1.60
C GLN B 34 14.71 18.76 0.52
N GLU B 35 15.93 18.30 0.80
CA GLU B 35 16.66 17.50 -0.19
C GLU B 35 15.98 16.14 -0.35
N ASP B 36 15.50 15.55 0.76
CA ASP B 36 14.80 14.27 0.65
C ASP B 36 13.59 14.48 -0.27
N PHE B 37 12.81 15.53 -0.02
CA PHE B 37 11.60 15.83 -0.81
C PHE B 37 11.92 15.98 -2.29
N ASN B 38 13.02 16.65 -2.60
CA ASN B 38 13.40 16.86 -4.01
C ASN B 38 13.66 15.54 -4.72
N MET B 39 14.04 14.51 -3.97
CA MET B 39 14.32 13.21 -4.54
C MET B 39 13.26 12.17 -4.17
N ASN B 40 12.21 12.58 -3.46
CA ASN B 40 11.19 11.65 -3.01
C ASN B 40 9.79 12.32 -3.00
N ALA B 41 9.15 12.38 -4.16
CA ALA B 41 7.84 13.01 -4.26
C ALA B 41 6.78 12.43 -3.31
N LYS B 42 6.80 11.11 -3.12
CA LYS B 42 5.85 10.46 -2.21
C LYS B 42 6.00 10.98 -0.78
N LEU B 43 7.26 11.09 -0.32
CA LEU B 43 7.53 11.57 1.03
C LEU B 43 6.98 12.98 1.23
N LYS B 44 7.21 13.83 0.22
CA LYS B 44 6.75 15.20 0.26
C LYS B 44 5.25 15.25 0.45
N VAL B 45 4.52 14.47 -0.35
CA VAL B 45 3.07 14.47 -0.21
C VAL B 45 2.66 13.97 1.17
N ALA B 46 3.22 12.83 1.60
CA ALA B 46 2.89 12.27 2.91
C ALA B 46 3.17 13.24 4.07
N TRP B 47 4.23 14.03 3.95
CA TRP B 47 4.55 15.01 4.99
C TRP B 47 3.45 16.09 5.08
N GLU B 48 3.01 16.58 3.93
CA GLU B 48 1.95 17.60 3.90
C GLU B 48 0.72 17.06 4.61
N GLU B 49 0.36 15.82 4.29
CA GLU B 49 -0.81 15.17 4.89
C GLU B 49 -0.61 15.03 6.39
N ALA B 50 0.59 14.59 6.80
CA ALA B 50 0.87 14.39 8.21
C ALA B 50 0.85 15.70 9.01
N LYS B 51 1.37 16.78 8.41
CA LYS B 51 1.40 18.09 9.07
C LYS B 51 -0.02 18.55 9.43
N LYS B 52 -0.97 18.31 8.52
CA LYS B 52 -2.37 18.68 8.77
C LYS B 52 -2.86 17.98 10.03
N ARG B 53 -2.70 16.66 10.07
CA ARG B 53 -3.12 15.86 11.20
C ARG B 53 -2.39 16.26 12.48
N TRP B 54 -1.08 16.47 12.38
CA TRP B 54 -0.29 16.86 13.55
C TRP B 54 -0.79 18.19 14.09
N ASN B 55 -1.05 19.15 13.21
CA ASN B 55 -1.54 20.45 13.66
C ASN B 55 -2.92 20.33 14.33
N ASN B 56 -3.65 19.27 14.01
CA ASN B 56 -4.95 19.06 14.61
C ASN B 56 -4.89 18.40 15.99
N ILE B 57 -3.97 17.45 16.16
CA ILE B 57 -3.89 16.75 17.44
C ILE B 57 -3.06 17.41 18.54
N LYS B 58 -2.04 18.17 18.18
CA LYS B 58 -1.19 18.75 19.22
C LYS B 58 -1.80 19.82 20.13
N PRO B 59 -2.79 20.59 19.64
CA PRO B 59 -3.38 21.63 20.48
C PRO B 59 -3.82 21.17 21.88
N SER B 60 -4.42 19.99 21.96
CA SER B 60 -4.90 19.48 23.22
C SER B 60 -3.94 18.58 24.00
N ARG B 61 -2.64 18.70 23.74
CA ARG B 61 -1.68 17.85 24.43
C ARG B 61 -0.35 18.51 24.78
N SER B 62 0.36 17.89 25.70
CA SER B 62 1.66 18.40 26.13
C SER B 62 2.72 17.39 25.69
N TYR B 63 3.88 17.89 25.32
CA TYR B 63 4.97 17.03 24.85
C TYR B 63 6.26 17.24 25.63
N PRO B 64 7.20 16.29 25.50
CA PRO B 64 8.48 16.39 26.21
C PRO B 64 9.20 17.67 25.82
N LYS B 65 10.00 18.21 26.74
CA LYS B 65 10.75 19.43 26.43
C LYS B 65 11.65 19.13 25.24
N GLY B 66 11.67 20.04 24.28
CA GLY B 66 12.50 19.86 23.10
C GLY B 66 11.75 19.24 21.93
N PHE B 67 10.62 18.59 22.21
CA PHE B 67 9.82 17.95 21.17
C PHE B 67 9.20 19.02 20.28
N ASN B 68 9.54 19.02 18.99
CA ASN B 68 9.01 20.02 18.06
C ASN B 68 8.10 19.48 16.98
N ASP B 69 7.69 20.36 16.07
CA ASP B 69 6.77 20.00 15.00
C ASP B 69 7.33 19.00 13.99
N PHE B 70 8.66 19.02 13.80
CA PHE B 70 9.26 18.06 12.87
C PHE B 70 9.14 16.65 13.48
N HIS B 71 9.39 16.53 14.79
CA HIS B 71 9.27 15.24 15.47
C HIS B 71 7.81 14.75 15.43
N GLY B 72 6.88 15.64 15.75
CA GLY B 72 5.47 15.28 15.74
C GLY B 72 4.96 14.86 14.37
N THR B 73 5.31 15.64 13.35
CA THR B 73 4.88 15.37 11.99
C THR B 73 5.51 14.11 11.42
N ALA B 74 6.76 13.83 11.79
CA ALA B 74 7.43 12.64 11.31
C ALA B 74 6.73 11.41 11.90
N LEU B 75 6.38 11.49 13.18
CA LEU B 75 5.70 10.37 13.87
C LEU B 75 4.36 10.08 13.21
N VAL B 76 3.55 11.12 13.04
CA VAL B 76 2.24 10.96 12.41
C VAL B 76 2.40 10.35 11.02
N ALA B 77 3.32 10.91 10.24
CA ALA B 77 3.57 10.43 8.88
C ALA B 77 3.95 8.94 8.85
N TYR B 78 4.73 8.51 9.84
CA TYR B 78 5.13 7.12 9.88
C TYR B 78 3.93 6.19 9.93
N THR B 79 2.85 6.63 10.58
CA THR B 79 1.67 5.78 10.70
C THR B 79 0.80 5.86 9.45
N GLY B 80 1.32 6.48 8.40
CA GLY B 80 0.58 6.60 7.16
C GLY B 80 1.14 5.65 6.10
N SER B 81 0.88 5.95 4.83
CA SER B 81 1.32 5.10 3.74
C SER B 81 2.82 5.10 3.42
N ILE B 82 3.57 6.07 3.91
CA ILE B 82 4.99 6.12 3.61
C ILE B 82 5.85 5.05 4.30
N ALA B 83 5.34 4.47 5.39
CA ALA B 83 6.11 3.48 6.15
C ALA B 83 6.65 2.31 5.35
N VAL B 84 5.85 1.77 4.44
CA VAL B 84 6.29 0.63 3.64
C VAL B 84 7.59 0.93 2.89
N ASP B 85 7.60 2.00 2.10
CA ASP B 85 8.82 2.32 1.37
C ASP B 85 9.95 2.76 2.29
N PHE B 86 9.60 3.50 3.35
CA PHE B 86 10.60 3.98 4.31
C PHE B 86 11.32 2.81 4.99
N ASN B 87 10.54 1.84 5.44
CA ASN B 87 11.11 0.68 6.12
C ASN B 87 11.97 -0.11 5.13
N ARG B 88 11.51 -0.20 3.88
CA ARG B 88 12.27 -0.92 2.86
C ARG B 88 13.63 -0.25 2.65
N ALA B 89 13.61 1.06 2.40
CA ALA B 89 14.85 1.81 2.17
C ALA B 89 15.79 1.68 3.38
N VAL B 90 15.26 1.76 4.60
CA VAL B 90 16.12 1.63 5.79
C VAL B 90 16.75 0.23 5.86
N ARG B 91 15.93 -0.80 5.63
CA ARG B 91 16.38 -2.19 5.65
C ARG B 91 17.46 -2.48 4.60
N GLU B 92 17.32 -1.89 3.42
CA GLU B 92 18.29 -2.14 2.34
C GLU B 92 19.33 -1.04 2.21
N PHE B 93 19.50 -0.24 3.26
CA PHE B 93 20.45 0.88 3.21
C PHE B 93 21.88 0.55 2.78
N LYS B 94 22.53 -0.36 3.51
CA LYS B 94 23.91 -0.72 3.22
C LYS B 94 24.11 -1.17 1.77
N GLU B 95 23.11 -1.85 1.22
CA GLU B 95 23.20 -2.33 -0.16
C GLU B 95 23.13 -1.19 -1.20
N ASN B 96 22.25 -0.22 -1.00
CA ASN B 96 22.19 0.91 -1.93
C ASN B 96 21.99 2.23 -1.19
N PRO B 97 23.05 2.70 -0.51
CA PRO B 97 23.03 3.95 0.25
C PRO B 97 22.81 5.19 -0.61
N GLY B 98 23.10 5.08 -1.90
CA GLY B 98 22.93 6.22 -2.77
C GLY B 98 21.48 6.52 -3.09
N GLN B 99 20.58 5.62 -2.68
CA GLN B 99 19.16 5.80 -2.95
C GLN B 99 18.32 6.00 -1.69
N PHE B 100 18.95 6.44 -0.62
CA PHE B 100 18.24 6.65 0.64
C PHE B 100 17.78 8.11 0.77
N HIS B 101 16.52 8.36 0.42
CA HIS B 101 15.97 9.71 0.46
C HIS B 101 15.05 9.94 1.63
N TYR B 102 15.57 9.62 2.82
CA TYR B 102 14.85 9.77 4.09
C TYR B 102 15.86 10.18 5.15
N LYS B 103 16.91 10.89 4.74
CA LYS B 103 17.95 11.32 5.68
C LYS B 103 17.43 12.15 6.86
N ALA B 104 16.59 13.14 6.58
CA ALA B 104 16.06 13.98 7.65
C ALA B 104 14.89 13.28 8.30
N PHE B 105 14.08 12.60 7.48
CA PHE B 105 12.91 11.93 8.00
C PHE B 105 13.30 10.93 9.08
N HIS B 106 14.34 10.16 8.78
CA HIS B 106 14.84 9.15 9.71
C HIS B 106 15.30 9.82 10.99
N TYR B 107 15.96 10.97 10.86
CA TYR B 107 16.43 11.66 12.05
C TYR B 107 15.27 12.10 12.93
N TYR B 108 14.32 12.82 12.35
CA TYR B 108 13.20 13.32 13.13
C TYR B 108 12.38 12.19 13.79
N LEU B 109 12.15 11.11 13.07
CA LEU B 109 11.38 10.01 13.64
C LEU B 109 12.17 9.39 14.78
N THR B 110 13.47 9.23 14.58
CA THR B 110 14.32 8.67 15.62
C THR B 110 14.33 9.56 16.86
N ARG B 111 14.51 10.86 16.67
CA ARG B 111 14.56 11.75 17.83
C ARG B 111 13.24 11.79 18.58
N ALA B 112 12.13 11.74 17.84
CA ALA B 112 10.81 11.76 18.46
C ALA B 112 10.63 10.61 19.45
N LEU B 113 11.07 9.42 19.07
CA LEU B 113 10.93 8.26 19.94
C LEU B 113 11.86 8.34 21.15
N GLN B 114 13.07 8.87 20.95
CA GLN B 114 14.01 9.01 22.06
C GLN B 114 13.44 10.00 23.09
N LEU B 115 12.84 11.09 22.59
CA LEU B 115 12.27 12.10 23.47
C LEU B 115 11.05 11.58 24.22
N LEU B 116 10.25 10.75 23.56
CA LEU B 116 9.04 10.21 24.19
C LEU B 116 9.30 9.01 25.10
N SER B 117 10.44 8.35 24.96
CA SER B 117 10.76 7.18 25.77
C SER B 117 10.95 7.55 27.24
N ASN B 118 10.36 6.78 28.14
CA ASN B 118 10.46 7.06 29.58
C ASN B 118 11.08 5.92 30.40
N GLY B 119 11.55 4.88 29.72
CA GLY B 119 12.13 3.77 30.45
C GLY B 119 11.17 2.60 30.65
N ASP B 120 9.88 2.86 30.49
CA ASP B 120 8.85 1.83 30.63
C ASP B 120 9.04 0.73 29.57
N CYS B 121 8.67 -0.50 29.91
CA CYS B 121 8.77 -1.61 28.97
C CYS B 121 7.34 -2.05 28.64
N HIS B 122 7.17 -2.68 27.47
CA HIS B 122 5.86 -3.15 27.04
C HIS B 122 5.95 -4.55 26.46
N SER B 123 4.82 -5.25 26.47
CA SER B 123 4.74 -6.58 25.87
C SER B 123 3.86 -6.30 24.64
N VAL B 124 4.42 -6.49 23.45
CA VAL B 124 3.67 -6.22 22.23
C VAL B 124 3.69 -7.36 21.20
N TYR B 125 2.88 -7.21 20.15
CA TYR B 125 2.76 -8.22 19.11
C TYR B 125 2.96 -7.64 17.71
N ARG B 126 3.56 -8.42 16.83
CA ARG B 126 3.78 -7.99 15.47
C ARG B 126 3.61 -9.19 14.58
N GLY B 127 2.67 -9.12 13.64
CA GLY B 127 2.46 -10.22 12.74
C GLY B 127 3.09 -9.89 11.40
N THR B 128 3.44 -10.92 10.64
CA THR B 128 4.04 -10.76 9.31
C THR B 128 3.37 -11.74 8.37
N LYS B 129 3.61 -11.56 7.07
CA LYS B 129 3.06 -12.47 6.08
C LYS B 129 4.19 -13.38 5.64
N THR B 130 5.41 -13.00 6.01
CA THR B 130 6.61 -13.76 5.69
C THR B 130 7.03 -14.54 6.93
N ARG B 131 7.36 -15.80 6.75
CA ARG B 131 7.78 -16.65 7.87
C ARG B 131 9.25 -16.40 8.21
N PHE B 132 9.51 -16.14 9.49
CA PHE B 132 10.87 -15.92 9.97
C PHE B 132 11.25 -17.06 10.90
N HIS B 133 12.53 -17.43 10.91
CA HIS B 133 13.04 -18.47 11.78
C HIS B 133 14.20 -17.95 12.64
N TYR B 134 14.28 -18.45 13.88
CA TYR B 134 15.38 -18.08 14.76
C TYR B 134 16.38 -19.22 14.55
N THR B 135 17.61 -18.89 14.17
CA THR B 135 18.62 -19.91 13.90
C THR B 135 19.23 -20.65 15.08
N GLY B 136 18.76 -20.38 16.30
CA GLY B 136 19.29 -21.08 17.46
C GLY B 136 20.39 -20.41 18.26
N ALA B 137 21.03 -19.40 17.70
CA ALA B 137 22.10 -18.72 18.42
C ALA B 137 22.22 -17.27 17.98
N GLY B 138 22.75 -16.44 18.88
CA GLY B 138 22.94 -15.03 18.57
C GLY B 138 21.72 -14.18 18.87
N SER B 139 21.96 -12.89 19.07
CA SER B 139 20.90 -11.94 19.34
C SER B 139 20.11 -11.62 18.08
N VAL B 140 19.02 -10.87 18.24
CA VAL B 140 18.18 -10.50 17.11
C VAL B 140 17.91 -8.99 17.13
N ARG B 141 17.82 -8.40 15.94
CA ARG B 141 17.57 -6.98 15.80
C ARG B 141 16.81 -6.79 14.48
N PHE B 142 15.93 -5.79 14.42
CA PHE B 142 15.18 -5.53 13.20
C PHE B 142 15.84 -4.47 12.32
N GLY B 143 16.62 -3.58 12.93
CA GLY B 143 17.28 -2.53 12.17
C GLY B 143 16.39 -1.37 11.82
N GLN B 144 15.30 -1.68 11.12
CA GLN B 144 14.29 -0.72 10.68
C GLN B 144 13.36 -0.40 11.86
N PHE B 145 12.66 0.73 11.79
CA PHE B 145 11.70 1.03 12.84
C PHE B 145 10.72 -0.15 12.74
N THR B 146 10.28 -0.64 13.89
CA THR B 146 9.39 -1.79 13.92
C THR B 146 8.07 -1.49 14.59
N SER B 147 7.00 -1.57 13.81
CA SER B 147 5.66 -1.32 14.35
C SER B 147 5.14 -2.58 15.04
N SER B 148 4.47 -2.40 16.17
CA SER B 148 3.88 -3.51 16.90
C SER B 148 2.60 -3.01 17.56
N SER B 149 1.83 -3.92 18.14
CA SER B 149 0.57 -3.52 18.78
C SER B 149 0.42 -4.10 20.17
N LEU B 150 -0.29 -3.39 21.04
CA LEU B 150 -0.55 -3.90 22.39
C LEU B 150 -1.53 -5.06 22.21
N SER B 151 -2.27 -5.02 21.11
CA SER B 151 -3.29 -6.02 20.78
C SER B 151 -2.85 -7.17 19.88
N LYS B 152 -2.92 -8.40 20.38
CA LYS B 152 -2.56 -9.55 19.58
C LYS B 152 -3.53 -9.64 18.38
N LYS B 153 -4.79 -9.35 18.63
CA LYS B 153 -5.79 -9.39 17.56
C LYS B 153 -5.39 -8.47 16.41
N VAL B 154 -4.88 -7.30 16.73
CA VAL B 154 -4.47 -6.36 15.70
C VAL B 154 -3.26 -6.91 14.91
N ALA B 155 -2.31 -7.50 15.62
CA ALA B 155 -1.12 -8.06 14.99
C ALA B 155 -1.46 -9.23 14.08
N GLN B 156 -2.52 -9.94 14.42
CA GLN B 156 -2.94 -11.08 13.64
C GLN B 156 -3.98 -10.78 12.58
N SER B 157 -4.38 -9.51 12.43
CA SER B 157 -5.38 -9.15 11.44
C SER B 157 -4.83 -9.42 10.04
N GLN B 158 -5.73 -9.55 9.08
CA GLN B 158 -5.39 -9.84 7.68
C GLN B 158 -4.39 -8.87 7.06
N GLU B 159 -4.49 -7.60 7.44
CA GLU B 159 -3.60 -6.61 6.87
C GLU B 159 -2.13 -6.93 7.11
N PHE B 160 -1.83 -7.52 8.26
CA PHE B 160 -0.44 -7.82 8.62
C PHE B 160 -0.03 -9.29 8.76
N PHE B 161 -0.99 -10.16 9.04
CA PHE B 161 -0.65 -11.54 9.31
C PHE B 161 -1.33 -12.63 8.53
N SER B 162 -0.60 -13.73 8.39
CA SER B 162 -1.08 -14.93 7.72
C SER B 162 -0.50 -16.12 8.49
N ASP B 163 -1.25 -17.21 8.58
CA ASP B 163 -0.76 -18.38 9.31
C ASP B 163 0.57 -18.84 8.73
N HIS B 164 0.79 -18.48 7.46
CA HIS B 164 2.01 -18.84 6.76
C HIS B 164 3.16 -17.93 7.18
N GLY B 165 2.82 -16.86 7.88
CA GLY B 165 3.82 -15.91 8.35
C GLY B 165 4.29 -16.21 9.77
N THR B 166 4.58 -15.15 10.52
CA THR B 166 5.08 -15.27 11.88
C THR B 166 4.41 -14.27 12.81
N LEU B 167 4.26 -14.67 14.07
CA LEU B 167 3.71 -13.77 15.09
C LEU B 167 4.84 -13.56 16.08
N PHE B 168 5.32 -12.33 16.17
CA PHE B 168 6.38 -11.99 17.13
C PHE B 168 5.72 -11.53 18.43
N ILE B 169 6.22 -12.04 19.55
CA ILE B 169 5.74 -11.63 20.87
C ILE B 169 7.00 -10.97 21.39
N ILE B 170 6.93 -9.65 21.57
CA ILE B 170 8.09 -8.87 21.95
C ILE B 170 8.03 -8.14 23.29
N LYS B 171 9.13 -8.23 24.04
CA LYS B 171 9.24 -7.48 25.29
C LYS B 171 10.22 -6.39 24.89
N THR B 172 9.71 -5.17 24.81
CA THR B 172 10.51 -4.02 24.43
C THR B 172 10.55 -3.00 25.56
N CYS B 173 11.65 -2.28 25.67
CA CYS B 173 11.80 -1.26 26.70
C CYS B 173 12.20 0.06 26.04
N LEU B 174 12.26 0.07 24.72
CA LEU B 174 12.59 1.29 23.99
C LEU B 174 11.38 1.72 23.15
N GLY B 175 10.41 0.82 23.02
CA GLY B 175 9.22 1.12 22.26
C GLY B 175 8.38 2.23 22.87
N VAL B 176 7.68 2.97 22.02
CA VAL B 176 6.83 4.06 22.47
C VAL B 176 5.38 3.87 21.99
N TYR B 177 4.43 4.05 22.89
CA TYR B 177 3.02 3.93 22.55
C TYR B 177 2.68 5.20 21.77
N ILE B 178 2.44 5.06 20.47
CA ILE B 178 2.16 6.23 19.61
C ILE B 178 0.73 6.38 19.10
N LYS B 179 -0.21 5.71 19.76
CA LYS B 179 -1.62 5.76 19.39
C LYS B 179 -2.12 7.19 19.23
N GLU B 180 -1.70 8.09 20.12
CA GLU B 180 -2.13 9.48 20.06
C GLU B 180 -1.62 10.24 18.84
N PHE B 181 -0.60 9.72 18.16
CA PHE B 181 -0.05 10.37 16.97
C PHE B 181 -0.53 9.70 15.69
N SER B 182 -1.10 8.51 15.82
CA SER B 182 -1.48 7.73 14.65
C SER B 182 -2.73 8.06 13.86
N PHE B 183 -2.64 7.83 12.54
CA PHE B 183 -3.77 8.03 11.65
C PHE B 183 -4.84 6.99 12.01
N ARG B 184 -4.41 5.93 12.70
CA ARG B 184 -5.30 4.85 13.11
C ARG B 184 -5.08 4.48 14.58
N PRO B 185 -5.64 5.28 15.49
CA PRO B 185 -5.53 5.09 16.95
C PRO B 185 -5.82 3.64 17.35
N ASP B 186 -6.84 3.09 16.72
CA ASP B 186 -7.32 1.71 16.95
C ASP B 186 -6.25 0.62 16.86
N GLN B 187 -5.17 0.91 16.15
CA GLN B 187 -4.11 -0.07 16.00
C GLN B 187 -3.32 -0.24 17.29
N GLU B 188 -3.59 0.62 18.27
CA GLU B 188 -2.91 0.53 19.56
C GLU B 188 -1.42 0.30 19.32
N GLU B 189 -0.84 1.07 18.41
CA GLU B 189 0.57 0.89 18.06
C GLU B 189 1.67 1.34 19.01
N VAL B 190 2.68 0.48 19.14
CA VAL B 190 3.86 0.77 19.92
C VAL B 190 4.94 0.67 18.86
N LEU B 191 5.62 1.79 18.61
CA LEU B 191 6.67 1.81 17.60
C LEU B 191 8.00 1.56 18.32
N ILE B 192 8.77 0.62 17.80
CA ILE B 192 10.05 0.27 18.42
C ILE B 192 11.25 0.64 17.56
N PRO B 193 12.26 1.30 18.14
CA PRO B 193 13.42 1.64 17.32
C PRO B 193 14.16 0.38 16.87
N GLY B 194 14.74 0.42 15.68
CA GLY B 194 15.45 -0.73 15.17
C GLY B 194 16.78 -1.06 15.82
N TYR B 195 17.22 -0.25 16.78
CA TYR B 195 18.49 -0.53 17.42
C TYR B 195 18.36 -1.27 18.76
N GLU B 196 17.13 -1.65 19.09
CA GLU B 196 16.93 -2.44 20.31
C GLU B 196 17.36 -3.86 19.93
N VAL B 197 18.09 -4.53 20.82
CA VAL B 197 18.59 -5.88 20.57
C VAL B 197 17.94 -6.88 21.53
N TYR B 198 17.48 -8.00 21.00
CA TYR B 198 16.83 -9.04 21.79
C TYR B 198 17.83 -10.17 22.02
N GLN B 199 18.19 -10.34 23.28
CA GLN B 199 19.17 -11.34 23.68
C GLN B 199 18.61 -12.71 24.04
N LYS B 200 17.30 -12.82 24.21
CA LYS B 200 16.68 -14.12 24.54
C LYS B 200 15.55 -14.39 23.56
N VAL B 201 15.76 -15.37 22.70
CA VAL B 201 14.78 -15.70 21.68
C VAL B 201 14.29 -17.13 21.81
N ARG B 202 12.97 -17.30 21.74
CA ARG B 202 12.36 -18.61 21.87
C ARG B 202 11.33 -18.87 20.78
N THR B 203 11.49 -20.00 20.12
CA THR B 203 10.56 -20.42 19.08
C THR B 203 9.42 -21.13 19.80
N GLN B 204 8.20 -20.92 19.36
CA GLN B 204 7.06 -21.60 19.97
C GLN B 204 6.13 -22.05 18.84
N GLY B 205 5.62 -23.28 18.93
CA GLY B 205 4.72 -23.78 17.90
C GLY B 205 5.38 -23.83 16.52
N TYR B 206 4.66 -23.37 15.50
CA TYR B 206 5.20 -23.37 14.14
C TYR B 206 5.34 -21.99 13.53
N ASN B 207 4.80 -20.95 14.17
CA ASN B 207 4.91 -19.59 13.62
C ASN B 207 5.00 -18.49 14.66
N GLU B 208 5.43 -18.83 15.87
CA GLU B 208 5.56 -17.85 16.92
C GLU B 208 6.99 -17.69 17.37
N ILE B 209 7.41 -16.45 17.58
CA ILE B 209 8.75 -16.18 18.05
C ILE B 209 8.70 -15.17 19.16
N PHE B 210 9.28 -15.53 20.29
CA PHE B 210 9.34 -14.65 21.45
C PHE B 210 10.70 -13.94 21.45
N LEU B 211 10.66 -12.61 21.47
CA LEU B 211 11.88 -11.82 21.51
C LEU B 211 11.90 -11.19 22.90
N ASP B 212 12.91 -11.51 23.70
CA ASP B 212 12.98 -11.00 25.06
C ASP B 212 14.38 -10.52 25.41
N SER B 213 14.56 -10.12 26.67
CA SER B 213 15.85 -9.60 27.14
C SER B 213 16.34 -8.51 26.19
N PRO B 214 15.50 -7.48 26.00
CA PRO B 214 15.83 -6.36 25.11
C PRO B 214 16.93 -5.50 25.74
N LYS B 215 17.83 -5.00 24.91
CA LYS B 215 18.87 -4.13 25.42
C LYS B 215 19.24 -3.13 24.34
N ARG B 216 19.62 -1.93 24.75
CA ARG B 216 20.05 -0.93 23.80
C ARG B 216 21.54 -1.19 23.59
N LYS B 217 21.95 -1.34 22.34
CA LYS B 217 23.36 -1.55 22.01
C LYS B 217 23.69 -0.48 20.99
N LYS B 218 24.97 -0.09 20.88
CA LYS B 218 25.30 0.94 19.92
C LYS B 218 24.99 0.43 18.52
N SER B 219 24.81 1.36 17.59
CA SER B 219 24.50 1.03 16.22
C SER B 219 25.72 0.96 15.31
N ASN B 220 25.51 0.48 14.08
CA ASN B 220 26.57 0.37 13.08
C ASN B 220 26.87 1.74 12.47
N TYR B 221 25.86 2.61 12.42
CA TYR B 221 26.05 3.96 11.90
C TYR B 221 25.80 4.93 13.03
N ASN B 222 26.54 6.02 13.06
CA ASN B 222 26.30 7.06 14.05
C ASN B 222 26.54 8.43 13.44
N CYS B 223 25.54 9.30 13.50
CA CYS B 223 25.67 10.66 12.96
C CYS B 223 26.23 10.69 11.55
N LEU B 224 25.85 9.70 10.74
CA LEU B 224 26.35 9.62 9.37
C LEU B 224 26.19 10.90 8.57
N TYR B 225 25.03 11.55 8.66
CA TYR B 225 24.80 12.77 7.89
C TYR B 225 24.90 14.05 8.69
N SER B 226 25.59 13.99 9.82
CA SER B 226 25.76 15.18 10.67
C SER B 226 26.83 16.10 10.09
#